data_3ZO1
#
_entry.id   3ZO1
#
_cell.length_a   72.940
_cell.length_b   76.350
_cell.length_c   80.570
_cell.angle_alpha   90.00
_cell.angle_beta   90.00
_cell.angle_gamma   90.00
#
_symmetry.space_group_name_H-M   'P 21 21 21'
#
loop_
_entity.id
_entity.type
_entity.pdbx_description
1 polymer 'CAMP-DEPENDENT PROTEIN KINASE CATALYTIC SUBUNIT ALPHA'
2 polymer 'CAMP-DEPENDENT PROTEIN KINASE INHIBITOR ALPHA'
3 non-polymer 6-(1,9-DIAZASPIRO[5.5]UNDECAN-9-YL)-9H-PURINE
4 non-polymer GLYCEROL
5 non-polymer METHANOL
6 water water
#
loop_
_entity_poly.entity_id
_entity_poly.type
_entity_poly.pdbx_seq_one_letter_code
_entity_poly.pdbx_strand_id
1 'polypeptide(L)'
;MGNAAAAKKGSEQESVKEFLAKAKEDFLKKWENPAQNTAHLDQFERIKTLGTGSFGRVMLVKHMETGNHYAMKILDKQKV
VKLKQIEHTLNEKRILQAVNFPFLVKLEFSFKDNSNLYMVMEYVPGGEMFSHLRRIGRF(SEP)EPHARFYAAQIVLTFE
YLHSLDLIYRDLKPENLLIDQQGYIQVTDFGFAKRVKGRTW(TPO)LCGTPEYLAPEIILSKGYNKAVDWWALGVLIYEM
AAGYPPFFADQPIQIYEKIVSGKVRFPSHFSSDLKDLLRNLLQVDLTKRFGNLKNGVNDIKNHKWFATTDWIAIYQRKVE
APFIPKFKGPGDTSNFDDYEEEEIRV(SEP)INEKCGKEFSEF
;
A
2 'polypeptide(L)' TTYADFIASGRTGRRNAI I
#
loop_
_chem_comp.id
_chem_comp.type
_chem_comp.name
_chem_comp.formula
GOL non-polymer GLYCEROL 'C3 H8 O3'
MOH non-polymer METHANOL 'C H4 O'
SIJ non-polymer 6-(1,9-DIAZASPIRO[5.5]UNDECAN-9-YL)-9H-PURINE 'C14 H20 N6'
#
# COMPACT_ATOMS: atom_id res chain seq x y z
N GLY A 10 11.61 -12.39 -27.70
CA GLY A 10 12.92 -11.74 -27.58
C GLY A 10 13.32 -11.74 -26.12
N SER A 11 13.80 -10.58 -25.59
CA SER A 11 14.15 -10.44 -24.18
C SER A 11 13.07 -9.57 -23.53
N GLU A 12 12.32 -10.18 -22.59
CA GLU A 12 11.26 -9.50 -21.84
C GLU A 12 11.84 -8.30 -21.07
N GLN A 13 13.10 -8.43 -20.58
CA GLN A 13 13.84 -7.40 -19.85
C GLN A 13 14.07 -6.11 -20.67
N GLU A 14 14.27 -6.24 -22.01
CA GLU A 14 14.42 -5.06 -22.87
C GLU A 14 13.08 -4.35 -23.12
N SER A 15 11.97 -5.11 -23.14
CA SER A 15 10.61 -4.57 -23.25
C SER A 15 10.29 -3.84 -21.96
N VAL A 16 10.70 -4.42 -20.80
CA VAL A 16 10.54 -3.88 -19.45
C VAL A 16 11.28 -2.53 -19.37
N LYS A 17 12.58 -2.49 -19.76
CA LYS A 17 13.42 -1.27 -19.82
C LYS A 17 12.74 -0.17 -20.64
N GLU A 18 12.21 -0.54 -21.84
CA GLU A 18 11.53 0.40 -22.74
C GLU A 18 10.30 0.94 -22.08
N PHE A 19 9.48 0.05 -21.49
CA PHE A 19 8.25 0.42 -20.80
C PHE A 19 8.56 1.41 -19.64
N LEU A 20 9.57 1.07 -18.82
CA LEU A 20 9.93 1.89 -17.65
C LEU A 20 10.49 3.26 -18.04
N ALA A 21 11.26 3.33 -19.16
CA ALA A 21 11.81 4.59 -19.66
C ALA A 21 10.68 5.58 -20.02
N LYS A 22 9.61 5.10 -20.69
CA LYS A 22 8.46 5.90 -21.10
C LYS A 22 7.63 6.31 -19.88
N ALA A 23 7.42 5.38 -18.93
CA ALA A 23 6.70 5.62 -17.68
C ALA A 23 7.42 6.73 -16.88
N LYS A 24 8.76 6.73 -16.87
CA LYS A 24 9.54 7.75 -16.17
C LYS A 24 9.32 9.13 -16.78
N GLU A 25 9.30 9.22 -18.12
CA GLU A 25 9.07 10.46 -18.86
C GLU A 25 7.70 11.05 -18.48
N ASP A 26 6.66 10.19 -18.42
CA ASP A 26 5.30 10.61 -18.06
C ASP A 26 5.28 11.09 -16.62
N PHE A 27 5.93 10.33 -15.73
CA PHE A 27 5.99 10.64 -14.32
C PHE A 27 6.66 11.98 -14.04
N LEU A 28 7.84 12.20 -14.62
CA LEU A 28 8.63 13.40 -14.39
C LEU A 28 7.90 14.68 -14.79
N LYS A 29 7.13 14.67 -15.90
CA LYS A 29 6.37 15.85 -16.31
C LYS A 29 5.38 16.26 -15.23
N LYS A 30 4.62 15.29 -14.67
CA LYS A 30 3.64 15.55 -13.62
C LYS A 30 4.33 15.84 -12.27
N TRP A 31 5.47 15.13 -11.99
CA TRP A 31 6.27 15.35 -10.77
C TRP A 31 6.74 16.82 -10.75
N GLU A 32 7.20 17.33 -11.91
CA GLU A 32 7.70 18.68 -12.02
C GLU A 32 6.64 19.76 -12.08
N ASN A 33 5.43 19.41 -12.54
CA ASN A 33 4.33 20.38 -12.69
C ASN A 33 3.06 19.77 -12.11
N PRO A 34 2.94 19.64 -10.76
CA PRO A 34 1.76 18.95 -10.20
C PRO A 34 0.41 19.60 -10.42
N ALA A 35 -0.62 18.75 -10.64
CA ALA A 35 -2.01 19.19 -10.76
C ALA A 35 -2.42 19.69 -9.34
N GLN A 36 -3.16 20.77 -9.30
CA GLN A 36 -3.54 21.43 -8.06
C GLN A 36 -4.90 22.11 -8.26
N ASN A 37 -5.78 22.06 -7.22
CA ASN A 37 -7.09 22.73 -7.19
C ASN A 37 -8.00 22.34 -8.37
N THR A 38 -8.26 21.04 -8.52
CA THR A 38 -9.03 20.54 -9.66
C THR A 38 -10.49 20.26 -9.37
N ALA A 39 -10.96 20.59 -8.16
CA ALA A 39 -12.36 20.45 -7.77
C ALA A 39 -12.62 21.26 -6.52
N HIS A 40 -13.85 21.21 -6.00
CA HIS A 40 -14.24 21.90 -4.79
C HIS A 40 -15.14 20.95 -4.01
N LEU A 41 -15.13 21.08 -2.67
CA LEU A 41 -15.93 20.25 -1.77
C LEU A 41 -17.42 20.19 -2.12
N ASP A 42 -17.99 21.34 -2.53
CA ASP A 42 -19.41 21.50 -2.87
C ASP A 42 -19.84 20.73 -4.14
N GLN A 43 -18.87 20.13 -4.84
CA GLN A 43 -19.13 19.31 -6.02
C GLN A 43 -19.44 17.86 -5.66
N PHE A 44 -19.33 17.52 -4.38
CA PHE A 44 -19.50 16.14 -3.93
C PHE A 44 -20.49 16.03 -2.82
N GLU A 45 -21.28 14.98 -2.88
CA GLU A 45 -22.25 14.65 -1.86
C GLU A 45 -21.57 13.56 -1.04
N ARG A 46 -21.45 13.78 0.27
CA ARG A 46 -20.82 12.83 1.19
C ARG A 46 -21.83 11.75 1.57
N ILE A 47 -21.43 10.47 1.45
CA ILE A 47 -22.34 9.36 1.69
C ILE A 47 -22.05 8.58 2.96
N LYS A 48 -20.82 8.06 3.11
CA LYS A 48 -20.49 7.18 4.22
C LYS A 48 -18.99 7.14 4.44
N THR A 49 -18.57 6.95 5.69
CA THR A 49 -17.14 6.82 6.02
C THR A 49 -16.69 5.38 5.71
N LEU A 50 -15.63 5.24 4.90
CA LEU A 50 -15.06 3.96 4.48
C LEU A 50 -13.91 3.53 5.38
N GLY A 51 -13.29 4.50 6.04
CA GLY A 51 -12.15 4.28 6.91
C GLY A 51 -11.71 5.58 7.55
N THR A 52 -10.84 5.47 8.55
CA THR A 52 -10.33 6.64 9.26
C THR A 52 -8.81 6.54 9.38
N GLY A 53 -8.18 7.70 9.52
CA GLY A 53 -6.75 7.83 9.74
C GLY A 53 -6.46 8.83 10.83
N SER A 54 -5.16 9.15 11.04
CA SER A 54 -4.75 10.12 12.06
C SER A 54 -5.31 11.53 11.78
N PHE A 55 -5.45 11.90 10.48
CA PHE A 55 -5.92 13.25 10.09
C PHE A 55 -7.37 13.39 9.66
N GLY A 56 -8.08 12.27 9.57
CA GLY A 56 -9.49 12.26 9.21
C GLY A 56 -10.01 11.04 8.50
N ARG A 57 -11.25 11.12 8.04
CA ARG A 57 -11.92 10.04 7.35
C ARG A 57 -11.66 9.94 5.84
N VAL A 58 -11.92 8.74 5.30
CA VAL A 58 -11.94 8.48 3.87
C VAL A 58 -13.43 8.19 3.68
N MET A 59 -14.09 9.02 2.88
CA MET A 59 -15.52 8.90 2.68
C MET A 59 -15.92 8.51 1.28
N LEU A 60 -16.98 7.67 1.17
CA LEU A 60 -17.56 7.40 -0.14
C LEU A 60 -18.34 8.68 -0.51
N VAL A 61 -18.07 9.25 -1.70
CA VAL A 61 -18.74 10.47 -2.18
C VAL A 61 -19.33 10.26 -3.57
N LYS A 62 -20.27 11.12 -3.96
CA LYS A 62 -20.88 11.07 -5.28
C LYS A 62 -20.62 12.41 -5.95
N HIS A 63 -19.96 12.39 -7.11
CA HIS A 63 -19.69 13.60 -7.88
C HIS A 63 -21.02 13.96 -8.53
N MET A 64 -21.62 15.09 -8.12
CA MET A 64 -22.95 15.50 -8.60
C MET A 64 -23.12 15.74 -10.10
N GLU A 65 -22.15 16.41 -10.76
CA GLU A 65 -22.22 16.69 -12.19
C GLU A 65 -22.21 15.42 -13.07
N THR A 66 -21.57 14.35 -12.60
CA THR A 66 -21.46 13.09 -13.36
C THR A 66 -22.23 11.88 -12.77
N GLY A 67 -22.48 11.90 -11.47
CA GLY A 67 -23.09 10.78 -10.78
C GLY A 67 -22.09 9.69 -10.46
N ASN A 68 -20.79 9.98 -10.64
CA ASN A 68 -19.73 9.00 -10.35
C ASN A 68 -19.47 8.94 -8.86
N HIS A 69 -19.12 7.75 -8.36
CA HIS A 69 -18.75 7.55 -6.97
C HIS A 69 -17.25 7.60 -6.86
N TYR A 70 -16.78 8.23 -5.80
CA TYR A 70 -15.34 8.30 -5.51
C TYR A 70 -15.10 8.08 -4.04
N ALA A 71 -13.82 7.89 -3.67
CA ALA A 71 -13.40 7.85 -2.26
C ALA A 71 -12.63 9.13 -2.02
N MET A 72 -13.12 9.93 -1.06
CA MET A 72 -12.49 11.19 -0.73
CA MET A 72 -12.51 11.20 -0.72
C MET A 72 -11.77 11.13 0.63
N LYS A 73 -10.44 11.31 0.59
CA LYS A 73 -9.61 11.34 1.79
C LYS A 73 -9.58 12.77 2.28
N ILE A 74 -9.92 12.97 3.57
CA ILE A 74 -9.93 14.28 4.22
C ILE A 74 -8.81 14.32 5.26
N LEU A 75 -7.96 15.35 5.19
CA LEU A 75 -6.86 15.55 6.14
C LEU A 75 -7.02 16.91 6.79
N ASP A 76 -7.16 16.93 8.11
CA ASP A 76 -7.23 18.18 8.86
C ASP A 76 -5.81 18.77 8.90
N LYS A 77 -5.61 19.98 8.33
CA LYS A 77 -4.29 20.63 8.27
C LYS A 77 -3.61 20.80 9.63
N GLN A 78 -4.36 21.23 10.64
CA GLN A 78 -3.89 21.42 12.02
C GLN A 78 -3.39 20.11 12.66
N LYS A 79 -4.08 18.98 12.40
CA LYS A 79 -3.69 17.65 12.90
C LYS A 79 -2.42 17.16 12.19
N VAL A 80 -2.30 17.45 10.88
CA VAL A 80 -1.09 17.07 10.10
C VAL A 80 0.10 17.79 10.73
N VAL A 81 -0.07 19.07 11.05
CA VAL A 81 0.98 19.93 11.65
C VAL A 81 1.38 19.40 13.03
N LYS A 82 0.38 19.13 13.90
CA LYS A 82 0.64 18.59 15.24
C LYS A 82 1.40 17.28 15.18
N LEU A 83 1.13 16.44 14.15
CA LEU A 83 1.82 15.16 14.03
C LEU A 83 3.14 15.21 13.25
N LYS A 84 3.57 16.41 12.85
CA LYS A 84 4.80 16.66 12.08
C LYS A 84 4.79 15.85 10.78
N GLN A 85 3.62 15.82 10.12
CA GLN A 85 3.43 15.10 8.87
C GLN A 85 3.32 15.99 7.65
N ILE A 86 3.77 17.27 7.75
CA ILE A 86 3.67 18.20 6.64
C ILE A 86 4.34 17.65 5.37
N GLU A 87 5.67 17.44 5.43
CA GLU A 87 6.44 16.97 4.27
C GLU A 87 5.91 15.65 3.72
N HIS A 88 5.53 14.72 4.61
CA HIS A 88 4.98 13.43 4.23
C HIS A 88 3.66 13.58 3.46
N THR A 89 2.81 14.54 3.88
CA THR A 89 1.52 14.83 3.25
C THR A 89 1.76 15.45 1.84
N LEU A 90 2.75 16.34 1.75
CA LEU A 90 3.10 16.93 0.44
C LEU A 90 3.68 15.86 -0.50
N ASN A 91 4.51 14.94 0.01
CA ASN A 91 5.02 13.80 -0.77
C ASN A 91 3.82 12.96 -1.27
N GLU A 92 2.90 12.61 -0.37
CA GLU A 92 1.77 11.75 -0.69
C GLU A 92 0.98 12.24 -1.94
N LYS A 93 0.52 13.49 -1.91
CA LYS A 93 -0.26 14.05 -3.02
C LYS A 93 0.60 14.28 -4.27
N ARG A 94 1.84 14.79 -4.10
CA ARG A 94 2.73 15.04 -5.23
C ARG A 94 3.03 13.73 -5.98
N ILE A 95 3.28 12.64 -5.24
CA ILE A 95 3.56 11.32 -5.82
C ILE A 95 2.30 10.72 -6.45
N LEU A 96 1.18 10.67 -5.70
CA LEU A 96 -0.05 10.02 -6.21
C LEU A 96 -0.61 10.69 -7.47
N GLN A 97 -0.52 12.03 -7.57
CA GLN A 97 -0.97 12.71 -8.80
C GLN A 97 -0.04 12.42 -10.00
N ALA A 98 1.22 12.01 -9.76
CA ALA A 98 2.17 11.81 -10.87
C ALA A 98 2.30 10.36 -11.37
N VAL A 99 1.90 9.38 -10.57
CA VAL A 99 1.99 7.99 -10.95
C VAL A 99 0.81 7.48 -11.82
N ASN A 100 1.01 6.34 -12.46
CA ASN A 100 0.05 5.70 -13.33
C ASN A 100 0.49 4.27 -13.59
N PHE A 101 -0.23 3.31 -13.00
CA PHE A 101 0.07 1.87 -13.10
C PHE A 101 -1.22 1.12 -12.81
N PRO A 102 -1.47 -0.07 -13.40
CA PRO A 102 -2.76 -0.75 -13.20
C PRO A 102 -3.15 -1.05 -11.77
N PHE A 103 -2.14 -1.23 -10.86
CA PHE A 103 -2.42 -1.62 -9.48
C PHE A 103 -2.27 -0.46 -8.46
N LEU A 104 -2.20 0.79 -8.97
CA LEU A 104 -2.12 1.97 -8.10
C LEU A 104 -3.44 2.72 -8.19
N VAL A 105 -4.08 2.99 -7.04
CA VAL A 105 -5.35 3.72 -7.04
C VAL A 105 -5.19 5.12 -7.72
N LYS A 106 -6.12 5.51 -8.58
CA LYS A 106 -5.99 6.78 -9.29
C LYS A 106 -6.49 7.96 -8.46
N LEU A 107 -5.71 9.05 -8.42
CA LEU A 107 -6.13 10.32 -7.80
C LEU A 107 -6.84 11.13 -8.93
N GLU A 108 -8.15 11.36 -8.80
CA GLU A 108 -8.95 12.09 -9.80
C GLU A 108 -8.92 13.58 -9.55
N PHE A 109 -9.02 14.00 -8.27
CA PHE A 109 -9.00 15.43 -7.94
C PHE A 109 -8.33 15.67 -6.61
N SER A 110 -7.83 16.89 -6.43
CA SER A 110 -7.30 17.34 -5.15
C SER A 110 -7.63 18.83 -5.00
N PHE A 111 -7.80 19.26 -3.75
CA PHE A 111 -8.10 20.66 -3.42
C PHE A 111 -8.00 20.79 -1.91
N LYS A 112 -8.15 22.02 -1.44
CA LYS A 112 -8.05 22.34 -0.01
C LYS A 112 -8.98 23.51 0.29
N ASP A 113 -9.36 23.66 1.55
CA ASP A 113 -10.14 24.80 1.98
C ASP A 113 -9.43 25.35 3.23
N ASN A 114 -10.11 26.18 4.04
CA ASN A 114 -9.55 26.78 5.25
C ASN A 114 -9.07 25.76 6.28
N SER A 115 -9.76 24.62 6.38
CA SER A 115 -9.49 23.58 7.37
C SER A 115 -8.75 22.36 6.88
N ASN A 116 -9.13 21.84 5.72
CA ASN A 116 -8.70 20.54 5.26
C ASN A 116 -8.00 20.46 3.92
N LEU A 117 -7.37 19.30 3.69
CA LEU A 117 -6.84 18.92 2.39
C LEU A 117 -7.74 17.77 1.95
N TYR A 118 -7.96 17.64 0.64
CA TYR A 118 -8.85 16.64 0.06
C TYR A 118 -8.21 15.93 -1.10
N MET A 119 -8.32 14.60 -1.12
CA MET A 119 -7.81 13.79 -2.23
C MET A 119 -8.96 12.91 -2.67
N VAL A 120 -9.42 13.10 -3.91
CA VAL A 120 -10.58 12.38 -4.45
C VAL A 120 -10.02 11.33 -5.38
N MET A 121 -10.22 10.08 -5.00
CA MET A 121 -9.68 8.94 -5.73
C MET A 121 -10.75 7.99 -6.26
N GLU A 122 -10.34 7.07 -7.14
CA GLU A 122 -11.26 6.06 -7.66
C GLU A 122 -11.77 5.23 -6.47
N TYR A 123 -13.07 4.94 -6.45
CA TYR A 123 -13.69 4.12 -5.41
C TYR A 123 -13.53 2.64 -5.77
N VAL A 124 -12.85 1.88 -4.89
CA VAL A 124 -12.58 0.45 -5.10
C VAL A 124 -13.56 -0.31 -4.17
N PRO A 125 -14.67 -0.86 -4.72
CA PRO A 125 -15.73 -1.38 -3.83
C PRO A 125 -15.58 -2.73 -3.14
N GLY A 126 -14.59 -3.51 -3.55
CA GLY A 126 -14.33 -4.85 -3.01
C GLY A 126 -13.82 -4.94 -1.57
N GLY A 127 -13.39 -3.81 -1.02
CA GLY A 127 -12.89 -3.75 0.35
C GLY A 127 -11.42 -4.08 0.44
N GLU A 128 -10.87 -3.97 1.64
CA GLU A 128 -9.45 -4.25 1.92
C GLU A 128 -9.19 -5.77 1.85
N MET A 129 -8.02 -6.15 1.31
CA MET A 129 -7.58 -7.54 1.31
C MET A 129 -7.59 -8.03 2.78
N PHE A 130 -7.19 -7.15 3.74
CA PHE A 130 -7.18 -7.40 5.17
C PHE A 130 -8.52 -8.02 5.64
N SER A 131 -9.65 -7.43 5.23
CA SER A 131 -10.99 -7.91 5.64
C SER A 131 -11.23 -9.36 5.22
N HIS A 132 -10.94 -9.65 3.93
CA HIS A 132 -11.11 -10.97 3.31
C HIS A 132 -10.13 -12.00 3.89
N LEU A 133 -8.86 -11.60 4.11
CA LEU A 133 -7.80 -12.42 4.67
C LEU A 133 -8.13 -12.89 6.08
N ARG A 134 -8.57 -11.95 6.95
CA ARG A 134 -8.95 -12.29 8.33
C ARG A 134 -10.18 -13.17 8.39
N ARG A 135 -11.17 -12.88 7.56
CA ARG A 135 -12.39 -13.68 7.59
C ARG A 135 -12.14 -15.12 7.10
N ILE A 136 -11.51 -15.27 5.92
CA ILE A 136 -11.23 -16.58 5.32
CA ILE A 136 -11.23 -16.59 5.34
C ILE A 136 -10.22 -17.37 6.17
N GLY A 137 -9.26 -16.66 6.78
CA GLY A 137 -8.21 -17.28 7.59
C GLY A 137 -6.88 -17.14 6.89
N ARG A 138 -6.73 -17.73 5.70
CA ARG A 138 -5.51 -17.65 4.87
C ARG A 138 -5.85 -17.89 3.41
N PHE A 139 -4.93 -17.52 2.54
CA PHE A 139 -5.08 -17.73 1.10
C PHE A 139 -4.21 -18.91 0.71
N SEP A 140 -4.68 -19.74 -0.24
CA SEP A 140 -3.89 -20.85 -0.74
CB SEP A 140 -4.65 -21.79 -1.72
OG SEP A 140 -5.13 -20.93 -2.78
C SEP A 140 -2.68 -20.25 -1.47
O SEP A 140 -2.68 -19.05 -1.79
P SEP A 140 -6.14 -21.58 -3.83
O1P SEP A 140 -7.52 -21.43 -3.17
O2P SEP A 140 -5.98 -20.70 -5.06
O3P SEP A 140 -5.85 -23.02 -4.18
N GLU A 141 -1.64 -21.06 -1.72
CA GLU A 141 -0.46 -20.54 -2.41
C GLU A 141 -0.73 -19.89 -3.77
N PRO A 142 -1.57 -20.48 -4.67
CA PRO A 142 -1.82 -19.81 -5.96
C PRO A 142 -2.58 -18.49 -5.79
N HIS A 143 -3.47 -18.42 -4.79
CA HIS A 143 -4.25 -17.21 -4.48
C HIS A 143 -3.26 -16.11 -4.02
N ALA A 144 -2.39 -16.43 -3.04
CA ALA A 144 -1.39 -15.47 -2.54
C ALA A 144 -0.41 -15.01 -3.65
N ARG A 145 0.01 -15.95 -4.54
CA ARG A 145 0.92 -15.72 -5.66
C ARG A 145 0.32 -14.70 -6.64
N PHE A 146 -0.99 -14.82 -6.95
CA PHE A 146 -1.71 -13.89 -7.84
C PHE A 146 -1.58 -12.44 -7.31
N TYR A 147 -1.81 -12.22 -6.00
CA TYR A 147 -1.67 -10.90 -5.35
C TYR A 147 -0.20 -10.46 -5.27
N ALA A 148 0.69 -11.40 -4.90
CA ALA A 148 2.12 -11.14 -4.78
C ALA A 148 2.73 -10.64 -6.10
N ALA A 149 2.33 -11.26 -7.24
CA ALA A 149 2.80 -10.89 -8.59
C ALA A 149 2.50 -9.40 -8.88
N GLN A 150 1.32 -8.96 -8.49
CA GLN A 150 0.89 -7.57 -8.66
C GLN A 150 1.75 -6.59 -7.84
N ILE A 151 2.12 -6.95 -6.59
CA ILE A 151 2.99 -6.09 -5.78
C ILE A 151 4.41 -6.04 -6.37
N VAL A 152 4.93 -7.20 -6.85
CA VAL A 152 6.25 -7.31 -7.49
C VAL A 152 6.31 -6.31 -8.65
N LEU A 153 5.26 -6.30 -9.52
CA LEU A 153 5.23 -5.38 -10.67
C LEU A 153 5.10 -3.92 -10.24
N THR A 154 4.26 -3.66 -9.23
CA THR A 154 4.03 -2.30 -8.70
C THR A 154 5.32 -1.68 -8.14
N PHE A 155 6.06 -2.49 -7.38
CA PHE A 155 7.34 -2.11 -6.77
C PHE A 155 8.39 -1.90 -7.83
N GLU A 156 8.42 -2.78 -8.86
CA GLU A 156 9.34 -2.61 -9.98
C GLU A 156 9.10 -1.21 -10.63
N TYR A 157 7.80 -0.86 -10.86
CA TYR A 157 7.40 0.45 -11.39
C TYR A 157 7.84 1.61 -10.44
N LEU A 158 7.40 1.58 -9.16
CA LEU A 158 7.68 2.62 -8.15
C LEU A 158 9.17 2.84 -7.95
N HIS A 159 9.93 1.75 -7.77
CA HIS A 159 11.38 1.82 -7.53
C HIS A 159 12.11 2.39 -8.73
N SER A 160 11.58 2.17 -9.95
CA SER A 160 12.23 2.70 -11.16
C SER A 160 12.15 4.23 -11.19
N LEU A 161 11.13 4.80 -10.50
CA LEU A 161 10.90 6.24 -10.37
C LEU A 161 11.59 6.85 -9.15
N ASP A 162 12.44 6.05 -8.46
CA ASP A 162 13.17 6.43 -7.23
C ASP A 162 12.16 6.61 -6.07
N LEU A 163 11.03 5.91 -6.15
CA LEU A 163 10.02 5.98 -5.11
C LEU A 163 10.15 4.79 -4.18
N ILE A 164 10.01 5.05 -2.87
CA ILE A 164 9.94 4.02 -1.83
C ILE A 164 8.53 4.14 -1.27
N TYR A 165 7.80 3.00 -1.12
CA TYR A 165 6.41 3.01 -0.69
C TYR A 165 6.27 3.04 0.84
N ARG A 166 7.00 2.15 1.53
CA ARG A 166 7.14 2.13 2.99
C ARG A 166 5.92 1.78 3.85
N ASP A 167 4.81 1.31 3.26
CA ASP A 167 3.70 0.90 4.12
C ASP A 167 2.92 -0.29 3.57
N LEU A 168 3.64 -1.31 3.06
CA LEU A 168 2.95 -2.48 2.51
C LEU A 168 2.30 -3.31 3.62
N LYS A 169 1.00 -3.60 3.47
CA LYS A 169 0.21 -4.42 4.40
C LYS A 169 -1.16 -4.70 3.77
N PRO A 170 -1.86 -5.79 4.17
CA PRO A 170 -3.17 -6.08 3.57
C PRO A 170 -4.20 -4.95 3.74
N GLU A 171 -4.08 -4.12 4.81
CA GLU A 171 -4.99 -2.98 5.07
C GLU A 171 -4.94 -1.96 3.90
N ASN A 172 -3.77 -1.85 3.27
CA ASN A 172 -3.49 -0.89 2.18
C ASN A 172 -3.73 -1.40 0.74
N LEU A 173 -4.31 -2.60 0.63
CA LEU A 173 -4.56 -3.24 -0.66
C LEU A 173 -6.04 -3.49 -0.86
N LEU A 174 -6.65 -2.76 -1.82
CA LEU A 174 -8.09 -2.97 -2.07
C LEU A 174 -8.32 -3.96 -3.20
N ILE A 175 -9.45 -4.67 -3.16
CA ILE A 175 -9.75 -5.63 -4.21
C ILE A 175 -10.79 -4.99 -5.11
N ASP A 176 -10.48 -4.89 -6.43
CA ASP A 176 -11.43 -4.30 -7.36
C ASP A 176 -12.49 -5.28 -7.82
N GLN A 177 -13.41 -4.82 -8.70
CA GLN A 177 -14.47 -5.67 -9.23
C GLN A 177 -13.96 -6.86 -10.07
N GLN A 178 -12.71 -6.78 -10.57
CA GLN A 178 -12.09 -7.84 -11.36
C GLN A 178 -11.22 -8.77 -10.49
N GLY A 179 -11.19 -8.52 -9.18
CA GLY A 179 -10.38 -9.29 -8.24
C GLY A 179 -8.92 -8.89 -8.18
N TYR A 180 -8.53 -7.80 -8.87
CA TYR A 180 -7.15 -7.30 -8.87
C TYR A 180 -6.90 -6.28 -7.76
N ILE A 181 -5.62 -6.07 -7.40
CA ILE A 181 -5.27 -5.14 -6.33
C ILE A 181 -5.20 -3.69 -6.78
N GLN A 182 -5.57 -2.79 -5.85
CA GLN A 182 -5.42 -1.34 -5.96
C GLN A 182 -4.73 -0.91 -4.66
N VAL A 183 -3.47 -0.50 -4.79
CA VAL A 183 -2.68 -0.02 -3.65
C VAL A 183 -3.14 1.41 -3.28
N THR A 184 -3.39 1.64 -1.99
CA THR A 184 -3.76 2.96 -1.47
C THR A 184 -2.69 3.37 -0.46
N ASP A 185 -2.86 4.53 0.18
CA ASP A 185 -2.08 5.00 1.32
C ASP A 185 -0.63 5.25 1.07
N PHE A 186 -0.36 6.36 0.37
CA PHE A 186 0.96 6.83 -0.01
C PHE A 186 1.51 7.86 1.00
N GLY A 187 0.93 7.89 2.19
CA GLY A 187 1.32 8.80 3.26
C GLY A 187 2.80 8.74 3.62
N PHE A 188 3.46 7.59 3.43
CA PHE A 188 4.91 7.48 3.73
C PHE A 188 5.77 7.30 2.49
N ALA A 189 5.14 7.36 1.28
CA ALA A 189 5.93 7.20 0.05
C ALA A 189 6.90 8.41 -0.10
N LYS A 190 8.11 8.19 -0.62
CA LYS A 190 9.10 9.27 -0.74
C LYS A 190 9.91 9.09 -2.02
N ARG A 191 10.21 10.20 -2.74
CA ARG A 191 11.07 10.15 -3.91
C ARG A 191 12.49 10.46 -3.40
N VAL A 192 13.35 9.45 -3.40
CA VAL A 192 14.69 9.60 -2.84
C VAL A 192 15.68 8.71 -3.58
N LYS A 193 16.80 9.32 -3.98
CA LYS A 193 17.89 8.67 -4.68
C LYS A 193 18.91 8.05 -3.72
N GLY A 194 19.28 8.77 -2.66
CA GLY A 194 20.22 8.23 -1.69
C GLY A 194 19.57 7.31 -0.70
N ARG A 195 20.03 7.38 0.55
CA ARG A 195 19.46 6.61 1.63
C ARG A 195 18.55 7.55 2.44
N THR A 196 17.61 6.99 3.20
CA THR A 196 16.69 7.77 4.03
C THR A 196 16.67 7.18 5.45
N TRP A 197 16.16 7.95 6.43
CA TRP A 197 16.28 7.58 7.85
C TRP A 197 14.98 7.66 8.68
N TPO A 198 13.89 8.14 8.12
CA TPO A 198 12.65 8.28 8.87
CB TPO A 198 11.49 8.89 8.03
CG2 TPO A 198 10.26 9.11 8.96
OG1 TPO A 198 11.95 10.20 7.59
P TPO A 198 11.95 10.34 6.00
O1P TPO A 198 10.51 10.34 5.52
O2P TPO A 198 12.70 11.63 5.71
O3P TPO A 198 12.70 9.17 5.41
C TPO A 198 12.16 6.94 9.43
O TPO A 198 12.10 5.96 8.71
N LEU A 199 11.84 6.91 10.71
CA LEU A 199 11.25 5.72 11.31
C LEU A 199 9.76 5.75 10.98
N CYS A 200 9.34 4.95 9.99
CA CYS A 200 7.95 4.91 9.59
C CYS A 200 7.63 3.54 9.04
N GLY A 201 6.33 3.25 8.99
CA GLY A 201 5.76 2.01 8.50
C GLY A 201 4.90 1.39 9.57
N THR A 202 4.60 0.11 9.43
CA THR A 202 3.76 -0.61 10.41
C THR A 202 4.66 -1.63 11.14
N PRO A 203 4.57 -1.75 12.47
CA PRO A 203 5.51 -2.65 13.18
C PRO A 203 5.82 -4.04 12.58
N GLU A 204 4.77 -4.85 12.29
CA GLU A 204 4.90 -6.20 11.72
C GLU A 204 5.67 -6.21 10.38
N TYR A 205 5.69 -5.08 9.64
CA TYR A 205 6.29 -5.03 8.32
C TYR A 205 7.68 -4.37 8.22
N LEU A 206 8.20 -3.84 9.32
CA LEU A 206 9.49 -3.14 9.30
C LEU A 206 10.67 -4.05 9.08
N ALA A 207 11.55 -3.66 8.13
CA ALA A 207 12.82 -4.32 7.89
C ALA A 207 13.76 -4.05 9.11
N PRO A 208 14.71 -4.98 9.41
CA PRO A 208 15.62 -4.76 10.57
C PRO A 208 16.38 -3.43 10.51
N GLU A 209 16.82 -3.01 9.32
CA GLU A 209 17.55 -1.74 9.16
C GLU A 209 16.77 -0.50 9.61
N ILE A 210 15.43 -0.53 9.49
CA ILE A 210 14.56 0.58 9.94
C ILE A 210 14.57 0.61 11.48
N ILE A 211 14.28 -0.55 12.14
CA ILE A 211 14.26 -0.71 13.61
C ILE A 211 15.62 -0.30 14.21
N LEU A 212 16.74 -0.65 13.52
CA LEU A 212 18.09 -0.38 14.00
C LEU A 212 18.65 1.05 13.71
N SER A 213 17.74 1.94 13.24
CA SER A 213 18.02 3.36 12.95
CA SER A 213 18.01 3.36 12.94
C SER A 213 19.18 3.56 11.99
N LYS A 214 19.23 2.74 10.96
CA LYS A 214 20.29 2.86 9.96
C LYS A 214 19.68 3.60 8.77
N GLY A 215 20.54 4.06 7.89
CA GLY A 215 20.06 4.66 6.64
C GLY A 215 19.59 3.50 5.80
N TYR A 216 18.41 3.62 5.20
CA TYR A 216 17.89 2.51 4.41
C TYR A 216 17.44 2.93 3.01
N ASN A 217 17.01 1.97 2.21
CA ASN A 217 16.59 2.23 0.85
C ASN A 217 15.39 1.34 0.42
N LYS A 218 15.19 1.21 -0.88
CA LYS A 218 14.08 0.45 -1.47
C LYS A 218 14.01 -1.02 -1.04
N ALA A 219 15.14 -1.59 -0.55
CA ALA A 219 15.18 -2.98 -0.06
C ALA A 219 14.18 -3.21 1.11
N VAL A 220 13.75 -2.13 1.81
CA VAL A 220 12.74 -2.25 2.89
C VAL A 220 11.36 -2.66 2.32
N ASP A 221 11.04 -2.25 1.07
CA ASP A 221 9.76 -2.65 0.44
C ASP A 221 9.81 -4.16 0.09
N TRP A 222 11.01 -4.65 -0.30
CA TRP A 222 11.21 -6.08 -0.62
C TRP A 222 11.11 -6.98 0.62
N TRP A 223 11.63 -6.48 1.77
CA TRP A 223 11.48 -7.16 3.06
C TRP A 223 9.97 -7.18 3.40
N ALA A 224 9.28 -6.02 3.25
CA ALA A 224 7.83 -5.93 3.54
C ALA A 224 7.01 -6.87 2.62
N LEU A 225 7.45 -7.09 1.36
CA LEU A 225 6.80 -8.06 0.46
C LEU A 225 6.90 -9.48 1.06
N GLY A 226 8.06 -9.82 1.63
CA GLY A 226 8.23 -11.10 2.32
C GLY A 226 7.24 -11.27 3.45
N VAL A 227 7.02 -10.20 4.25
CA VAL A 227 6.04 -10.24 5.38
C VAL A 227 4.61 -10.41 4.83
N LEU A 228 4.27 -9.70 3.72
CA LEU A 228 2.95 -9.80 3.10
C LEU A 228 2.67 -11.21 2.57
N ILE A 229 3.61 -11.80 1.83
CA ILE A 229 3.45 -13.14 1.28
C ILE A 229 3.23 -14.14 2.41
N TYR A 230 4.10 -14.09 3.45
CA TYR A 230 3.98 -14.96 4.60
C TYR A 230 2.58 -14.79 5.19
N GLU A 231 2.16 -13.54 5.45
CA GLU A 231 0.85 -13.29 6.08
C GLU A 231 -0.32 -13.85 5.29
N MET A 232 -0.33 -13.62 3.96
CA MET A 232 -1.37 -14.12 3.07
C MET A 232 -1.45 -15.63 3.08
N ALA A 233 -0.28 -16.30 2.99
CA ALA A 233 -0.24 -17.78 2.93
C ALA A 233 -0.44 -18.48 4.29
N ALA A 234 -0.01 -17.86 5.41
CA ALA A 234 -0.14 -18.47 6.74
C ALA A 234 -1.44 -18.06 7.48
N GLY A 235 -1.89 -16.84 7.23
CA GLY A 235 -3.05 -16.25 7.92
C GLY A 235 -2.66 -15.41 9.12
N TYR A 236 -1.35 -15.33 9.40
CA TYR A 236 -0.79 -14.56 10.49
C TYR A 236 0.60 -14.06 10.08
N PRO A 237 1.12 -12.95 10.66
CA PRO A 237 2.44 -12.46 10.23
C PRO A 237 3.60 -13.33 10.78
N PRO A 238 4.79 -13.25 10.15
CA PRO A 238 5.94 -14.05 10.63
C PRO A 238 6.47 -13.59 11.99
N PHE A 239 6.24 -12.30 12.34
CA PHE A 239 6.64 -11.70 13.61
C PHE A 239 5.43 -10.96 14.21
N PHE A 240 4.84 -11.59 15.21
CA PHE A 240 3.71 -11.00 15.91
C PHE A 240 3.86 -11.14 17.43
N ALA A 241 3.26 -10.19 18.17
CA ALA A 241 3.27 -10.12 19.62
C ALA A 241 2.14 -9.16 20.03
N ASP A 242 1.93 -8.95 21.32
CA ASP A 242 0.88 -8.03 21.77
C ASP A 242 1.30 -6.57 21.66
N GLN A 243 2.61 -6.29 21.77
CA GLN A 243 3.17 -4.93 21.72
C GLN A 243 4.28 -4.77 20.67
N PRO A 244 4.40 -3.57 20.03
CA PRO A 244 5.47 -3.33 19.04
C PRO A 244 6.92 -3.67 19.44
N ILE A 245 7.34 -3.32 20.68
CA ILE A 245 8.71 -3.65 21.16
C ILE A 245 9.03 -5.15 21.04
N GLN A 246 8.07 -6.03 21.38
CA GLN A 246 8.23 -7.48 21.29
C GLN A 246 8.31 -7.93 19.82
N ILE A 247 7.56 -7.24 18.92
CA ILE A 247 7.60 -7.49 17.47
C ILE A 247 9.02 -7.18 16.94
N TYR A 248 9.58 -6.01 17.32
CA TYR A 248 10.93 -5.58 16.92
C TYR A 248 12.01 -6.55 17.34
N GLU A 249 11.92 -7.08 18.59
CA GLU A 249 12.87 -8.05 19.12
C GLU A 249 12.85 -9.29 18.24
N LYS A 250 11.64 -9.74 17.81
CA LYS A 250 11.49 -10.89 16.92
C LYS A 250 12.08 -10.60 15.53
N ILE A 251 11.81 -9.42 14.96
CA ILE A 251 12.33 -9.06 13.64
C ILE A 251 13.87 -9.08 13.61
N VAL A 252 14.52 -8.43 14.60
CA VAL A 252 15.99 -8.35 14.65
C VAL A 252 16.71 -9.68 14.98
N SER A 253 16.01 -10.64 15.64
CA SER A 253 16.64 -11.91 16.07
C SER A 253 17.31 -12.78 14.99
N GLY A 254 16.84 -12.68 13.75
CA GLY A 254 17.36 -13.46 12.63
C GLY A 254 16.73 -14.84 12.48
N LYS A 255 15.52 -15.05 13.09
CA LYS A 255 14.78 -16.33 13.08
C LYS A 255 13.34 -16.19 12.59
N VAL A 256 12.90 -17.07 11.66
CA VAL A 256 11.54 -17.15 11.09
C VAL A 256 11.11 -18.62 11.13
N ARG A 257 9.87 -18.89 11.54
CA ARG A 257 9.33 -20.25 11.54
C ARG A 257 8.21 -20.31 10.52
N PHE A 258 8.22 -21.33 9.65
CA PHE A 258 7.20 -21.45 8.63
C PHE A 258 6.17 -22.49 8.97
N PRO A 259 4.87 -22.27 8.63
CA PRO A 259 3.86 -23.34 8.82
C PRO A 259 4.27 -24.59 8.01
N SER A 260 3.92 -25.81 8.49
CA SER A 260 4.27 -27.06 7.81
C SER A 260 3.66 -27.21 6.42
N HIS A 261 2.52 -26.53 6.14
CA HIS A 261 1.86 -26.55 4.83
C HIS A 261 2.55 -25.66 3.77
N PHE A 262 3.53 -24.83 4.16
CA PHE A 262 4.26 -24.00 3.20
C PHE A 262 5.09 -24.89 2.28
N SER A 263 5.00 -24.67 0.96
CA SER A 263 5.77 -25.44 -0.02
C SER A 263 7.25 -25.10 0.13
N SER A 264 8.14 -26.02 -0.36
CA SER A 264 9.59 -25.81 -0.31
CA SER A 264 9.59 -25.81 -0.30
C SER A 264 9.98 -24.52 -1.05
N ASP A 265 9.34 -24.26 -2.22
CA ASP A 265 9.58 -23.07 -3.04
C ASP A 265 9.18 -21.79 -2.32
N LEU A 266 8.03 -21.82 -1.59
CA LEU A 266 7.55 -20.65 -0.84
C LEU A 266 8.58 -20.25 0.24
N LYS A 267 9.00 -21.24 1.06
CA LYS A 267 9.99 -21.05 2.13
C LYS A 267 11.29 -20.49 1.59
N ASP A 268 11.78 -21.02 0.45
CA ASP A 268 13.01 -20.53 -0.15
C ASP A 268 12.89 -19.07 -0.53
N LEU A 269 11.78 -18.69 -1.22
CA LEU A 269 11.54 -17.30 -1.60
C LEU A 269 11.51 -16.40 -0.35
N LEU A 270 10.77 -16.83 0.68
CA LEU A 270 10.62 -16.07 1.94
C LEU A 270 11.93 -15.92 2.71
N ARG A 271 12.85 -16.92 2.66
CA ARG A 271 14.17 -16.81 3.29
C ARG A 271 15.04 -15.78 2.56
N ASN A 272 14.83 -15.62 1.25
CA ASN A 272 15.56 -14.64 0.45
C ASN A 272 14.97 -13.24 0.53
N LEU A 273 13.68 -13.14 0.91
CA LEU A 273 13.02 -11.84 1.07
C LEU A 273 13.16 -11.33 2.51
N LEU A 274 12.92 -12.21 3.50
CA LEU A 274 13.06 -11.93 4.93
C LEU A 274 14.53 -12.18 5.34
N GLN A 275 15.43 -11.58 4.57
CA GLN A 275 16.87 -11.69 4.68
C GLN A 275 17.45 -10.42 5.32
N VAL A 276 18.04 -10.56 6.52
CA VAL A 276 18.66 -9.46 7.25
C VAL A 276 19.85 -8.86 6.46
N ASP A 277 20.61 -9.72 5.77
CA ASP A 277 21.79 -9.31 5.01
C ASP A 277 21.42 -8.68 3.68
N LEU A 278 21.60 -7.36 3.57
CA LEU A 278 21.30 -6.59 2.36
C LEU A 278 22.05 -7.00 1.09
N THR A 279 23.24 -7.59 1.23
CA THR A 279 24.05 -8.08 0.11
C THR A 279 23.49 -9.43 -0.38
N LYS A 280 22.48 -9.96 0.35
CA LYS A 280 21.81 -11.23 0.09
C LYS A 280 20.29 -11.09 -0.13
N ARG A 281 19.66 -9.98 0.27
CA ARG A 281 18.19 -9.85 0.12
C ARG A 281 17.74 -9.73 -1.33
N PHE A 282 16.79 -10.58 -1.75
CA PHE A 282 16.23 -10.54 -3.11
C PHE A 282 15.56 -9.18 -3.32
N GLY A 283 15.76 -8.66 -4.52
CA GLY A 283 15.31 -7.34 -4.92
C GLY A 283 16.45 -6.35 -4.78
N ASN A 284 17.47 -6.69 -3.94
CA ASN A 284 18.63 -5.81 -3.65
C ASN A 284 19.97 -6.17 -4.33
N LEU A 285 19.98 -7.23 -5.14
CA LEU A 285 21.21 -7.72 -5.79
C LEU A 285 21.39 -7.20 -7.21
N LYS A 286 22.50 -7.62 -7.88
CA LYS A 286 22.86 -7.24 -9.26
C LYS A 286 21.69 -7.46 -10.24
N ASN A 287 21.01 -8.63 -10.16
CA ASN A 287 19.87 -8.97 -11.02
C ASN A 287 18.58 -8.24 -10.66
N GLY A 288 18.58 -7.45 -9.58
CA GLY A 288 17.43 -6.67 -9.13
C GLY A 288 16.15 -7.48 -9.01
N VAL A 289 15.02 -6.94 -9.50
CA VAL A 289 13.69 -7.58 -9.44
C VAL A 289 13.64 -9.00 -10.10
N ASN A 290 14.55 -9.25 -11.08
CA ASN A 290 14.60 -10.53 -11.80
C ASN A 290 14.88 -11.73 -10.93
N ASP A 291 15.58 -11.53 -9.79
CA ASP A 291 15.82 -12.60 -8.81
C ASP A 291 14.45 -13.06 -8.22
N ILE A 292 13.49 -12.14 -8.13
CA ILE A 292 12.16 -12.47 -7.64
C ILE A 292 11.31 -13.07 -8.76
N LYS A 293 11.24 -12.38 -9.93
CA LYS A 293 10.42 -12.79 -11.07
C LYS A 293 10.74 -14.17 -11.59
N ASN A 294 12.03 -14.56 -11.56
CA ASN A 294 12.51 -15.86 -12.02
C ASN A 294 12.63 -16.89 -10.90
N HIS A 295 12.17 -16.58 -9.66
CA HIS A 295 12.22 -17.58 -8.59
C HIS A 295 11.22 -18.72 -8.92
N LYS A 296 11.55 -19.95 -8.52
CA LYS A 296 10.73 -21.17 -8.71
C LYS A 296 9.28 -20.99 -8.20
N TRP A 297 9.05 -20.28 -7.07
CA TRP A 297 7.68 -20.08 -6.57
C TRP A 297 6.80 -19.34 -7.59
N PHE A 298 7.44 -18.52 -8.44
CA PHE A 298 6.75 -17.78 -9.50
C PHE A 298 6.82 -18.42 -10.91
N ALA A 299 7.28 -19.68 -11.04
CA ALA A 299 7.40 -20.32 -12.35
C ALA A 299 6.10 -20.33 -13.19
N THR A 300 4.93 -20.48 -12.55
CA THR A 300 3.64 -20.52 -13.27
C THR A 300 3.06 -19.12 -13.54
N THR A 301 3.72 -18.07 -13.05
CA THR A 301 3.29 -16.69 -13.22
C THR A 301 3.69 -16.15 -14.61
N ASP A 302 2.70 -15.65 -15.35
CA ASP A 302 2.89 -14.98 -16.63
C ASP A 302 2.80 -13.48 -16.28
N TRP A 303 3.97 -12.85 -16.17
CA TRP A 303 4.10 -11.44 -15.77
C TRP A 303 3.33 -10.46 -16.66
N ILE A 304 3.37 -10.65 -17.99
CA ILE A 304 2.66 -9.81 -18.95
C ILE A 304 1.15 -9.97 -18.77
N ALA A 305 0.66 -11.24 -18.71
CA ALA A 305 -0.77 -11.53 -18.53
C ALA A 305 -1.30 -10.86 -17.26
N ILE A 306 -0.51 -10.87 -16.15
CA ILE A 306 -0.85 -10.19 -14.89
C ILE A 306 -1.00 -8.67 -15.11
N TYR A 307 0.03 -8.03 -15.73
CA TYR A 307 0.01 -6.58 -15.99
C TYR A 307 -1.21 -6.20 -16.87
N GLN A 308 -1.51 -7.02 -17.89
CA GLN A 308 -2.61 -6.82 -18.82
C GLN A 308 -3.97 -7.17 -18.21
N ARG A 309 -3.97 -7.71 -16.97
CA ARG A 309 -5.19 -8.12 -16.25
C ARG A 309 -5.94 -9.25 -16.97
N LYS A 310 -5.20 -10.11 -17.71
CA LYS A 310 -5.72 -11.25 -18.48
C LYS A 310 -5.98 -12.51 -17.65
N VAL A 311 -5.32 -12.62 -16.49
CA VAL A 311 -5.45 -13.79 -15.61
C VAL A 311 -6.78 -13.77 -14.83
N GLU A 312 -7.51 -14.90 -14.82
CA GLU A 312 -8.76 -15.01 -14.07
C GLU A 312 -8.44 -14.93 -12.56
N ALA A 313 -9.03 -13.95 -11.85
CA ALA A 313 -8.79 -13.77 -10.42
C ALA A 313 -9.31 -14.95 -9.57
N PRO A 314 -8.64 -15.28 -8.44
CA PRO A 314 -9.14 -16.41 -7.63
C PRO A 314 -10.37 -16.07 -6.79
N PHE A 315 -10.62 -14.77 -6.56
CA PHE A 315 -11.74 -14.30 -5.77
C PHE A 315 -12.29 -12.99 -6.34
N ILE A 316 -13.60 -12.94 -6.57
CA ILE A 316 -14.31 -11.75 -7.07
C ILE A 316 -15.21 -11.28 -5.92
N PRO A 317 -15.04 -10.04 -5.41
CA PRO A 317 -15.91 -9.61 -4.29
C PRO A 317 -17.33 -9.42 -4.74
N LYS A 318 -18.26 -9.58 -3.80
CA LYS A 318 -19.70 -9.39 -4.04
C LYS A 318 -19.95 -7.90 -4.28
N PHE A 319 -20.81 -7.58 -5.26
CA PHE A 319 -21.14 -6.20 -5.62
C PHE A 319 -22.64 -6.02 -5.72
N LYS A 320 -23.26 -5.43 -4.67
CA LYS A 320 -24.71 -5.20 -4.61
C LYS A 320 -25.19 -4.19 -5.65
N GLY A 321 -24.31 -3.28 -6.04
CA GLY A 321 -24.59 -2.26 -7.03
C GLY A 321 -23.75 -1.02 -6.84
N PRO A 322 -24.02 0.08 -7.59
CA PRO A 322 -23.23 1.31 -7.38
C PRO A 322 -23.49 1.94 -6.02
N GLY A 323 -22.41 2.39 -5.38
CA GLY A 323 -22.44 3.03 -4.07
C GLY A 323 -22.58 2.10 -2.88
N ASP A 324 -22.54 0.77 -3.11
CA ASP A 324 -22.65 -0.21 -2.03
C ASP A 324 -21.33 -0.25 -1.27
N THR A 325 -21.42 -0.27 0.08
CA THR A 325 -20.24 -0.29 0.96
C THR A 325 -20.13 -1.55 1.86
N SER A 326 -20.90 -2.62 1.50
CA SER A 326 -20.98 -3.87 2.29
C SER A 326 -19.67 -4.59 2.49
N ASN A 327 -18.62 -4.31 1.67
CA ASN A 327 -17.28 -4.92 1.83
C ASN A 327 -16.40 -4.09 2.77
N PHE A 328 -16.99 -3.05 3.41
CA PHE A 328 -16.26 -2.19 4.34
C PHE A 328 -16.92 -2.19 5.70
N ASP A 329 -16.12 -2.00 6.75
CA ASP A 329 -16.62 -1.91 8.11
C ASP A 329 -17.40 -0.59 8.29
N ASP A 330 -18.26 -0.55 9.32
CA ASP A 330 -19.02 0.65 9.67
C ASP A 330 -18.21 1.53 10.61
N TYR A 331 -18.42 2.85 10.53
CA TYR A 331 -17.65 3.82 11.30
C TYR A 331 -18.53 4.92 11.85
N GLU A 332 -18.07 5.54 12.96
CA GLU A 332 -18.74 6.68 13.58
C GLU A 332 -18.63 7.84 12.58
N GLU A 333 -19.74 8.54 12.35
CA GLU A 333 -19.81 9.64 11.38
C GLU A 333 -19.74 11.00 12.05
N GLU A 334 -18.71 11.79 11.71
CA GLU A 334 -18.56 13.14 12.22
C GLU A 334 -18.74 14.13 11.08
N GLU A 335 -19.69 15.08 11.23
CA GLU A 335 -19.92 16.08 10.18
C GLU A 335 -18.69 17.01 10.01
N ILE A 336 -18.27 17.23 8.73
CA ILE A 336 -17.16 18.09 8.29
C ILE A 336 -17.42 19.54 8.68
N ARG A 337 -16.40 20.17 9.27
CA ARG A 337 -16.45 21.57 9.63
C ARG A 337 -15.35 22.33 8.91
N VAL A 338 -15.71 23.44 8.29
CA VAL A 338 -14.77 24.28 7.57
C VAL A 338 -14.73 25.59 8.32
N SEP A 339 -13.57 25.92 8.89
CA SEP A 339 -13.39 27.16 9.63
CB SEP A 339 -12.02 27.11 10.32
OG SEP A 339 -11.72 28.41 10.90
C SEP A 339 -13.55 28.39 8.72
O SEP A 339 -13.40 28.30 7.50
P SEP A 339 -12.28 28.66 12.35
O1P SEP A 339 -11.48 29.84 12.90
O2P SEP A 339 -13.75 29.05 12.21
O3P SEP A 339 -12.16 27.50 13.28
N ILE A 340 -13.91 29.55 9.33
CA ILE A 340 -14.07 30.81 8.59
C ILE A 340 -12.69 31.45 8.37
N ASN A 341 -11.65 30.87 9.01
CA ASN A 341 -10.27 31.34 8.90
C ASN A 341 -9.38 30.27 8.31
N GLU A 342 -8.50 30.68 7.41
CA GLU A 342 -7.53 29.78 6.78
C GLU A 342 -6.51 29.28 7.81
N LYS A 343 -6.33 27.97 7.88
CA LYS A 343 -5.36 27.36 8.80
C LYS A 343 -4.18 26.86 8.01
N CYS A 344 -2.97 27.09 8.53
CA CYS A 344 -1.72 26.57 7.96
C CYS A 344 -1.54 26.79 6.46
N GLY A 345 -1.92 27.98 5.99
CA GLY A 345 -1.81 28.36 4.59
C GLY A 345 -0.43 28.17 3.99
N LYS A 346 0.60 28.75 4.64
CA LYS A 346 2.00 28.67 4.20
C LYS A 346 2.52 27.23 4.10
N GLU A 347 2.26 26.41 5.13
CA GLU A 347 2.72 25.02 5.21
C GLU A 347 2.24 24.14 4.03
N PHE A 348 1.01 24.37 3.53
CA PHE A 348 0.38 23.56 2.48
C PHE A 348 0.17 24.31 1.16
N SER A 349 0.95 25.36 0.97
CA SER A 349 0.93 26.21 -0.21
C SER A 349 0.97 25.41 -1.51
N GLU A 350 1.88 24.42 -1.62
CA GLU A 350 1.99 23.65 -2.86
C GLU A 350 0.90 22.58 -3.08
N PHE A 351 0.10 22.26 -2.06
CA PHE A 351 -0.94 21.23 -2.22
C PHE A 351 -2.01 21.66 -3.25
N THR B 1 -1.44 -23.81 19.00
CA THR B 1 -1.01 -23.59 17.63
C THR B 1 -0.70 -22.12 17.47
N THR B 2 0.14 -21.77 16.48
CA THR B 2 0.51 -20.38 16.16
C THR B 2 -0.74 -19.58 15.75
N TYR B 3 -1.65 -20.20 14.96
CA TYR B 3 -2.90 -19.56 14.59
C TYR B 3 -3.70 -19.19 15.85
N ALA B 4 -3.86 -20.14 16.83
CA ALA B 4 -4.60 -19.86 18.08
C ALA B 4 -3.93 -18.70 18.84
N ASP B 5 -2.58 -18.69 18.86
CA ASP B 5 -1.83 -17.61 19.51
C ASP B 5 -2.07 -16.27 18.87
N PHE B 6 -2.16 -16.24 17.54
CA PHE B 6 -2.42 -15.01 16.81
C PHE B 6 -3.82 -14.51 17.09
N ILE B 7 -4.81 -15.40 17.01
CA ILE B 7 -6.24 -15.08 17.20
C ILE B 7 -6.54 -14.53 18.58
N ALA B 8 -5.80 -14.99 19.60
CA ALA B 8 -5.94 -14.57 20.99
C ALA B 8 -5.11 -13.31 21.29
N SER B 9 -4.29 -12.86 20.33
CA SER B 9 -3.41 -11.69 20.52
C SER B 9 -4.21 -10.38 20.34
N GLY B 10 -3.63 -9.25 20.75
CA GLY B 10 -4.29 -7.95 20.60
C GLY B 10 -4.05 -7.29 19.25
N ARG B 11 -3.42 -8.02 18.29
CA ARG B 11 -3.09 -7.46 17.00
C ARG B 11 -3.66 -8.16 15.76
N THR B 12 -4.94 -8.56 15.84
CA THR B 12 -5.66 -9.19 14.72
C THR B 12 -6.52 -8.15 14.00
N GLY B 13 -6.69 -6.99 14.65
CA GLY B 13 -7.46 -5.89 14.07
C GLY B 13 -6.64 -5.08 13.08
N ARG B 14 -7.28 -4.05 12.48
CA ARG B 14 -6.64 -3.14 11.52
C ARG B 14 -5.39 -2.51 12.19
N ARG B 15 -4.23 -2.55 11.52
CA ARG B 15 -3.00 -2.01 12.13
C ARG B 15 -2.68 -0.62 11.64
N ASN B 16 -2.37 0.28 12.58
CA ASN B 16 -1.98 1.66 12.24
C ASN B 16 -0.48 1.73 12.00
N ALA B 17 -0.06 2.75 11.25
CA ALA B 17 1.36 2.98 11.05
C ALA B 17 1.92 3.61 12.35
N ILE B 18 3.24 3.56 12.56
CA ILE B 18 3.94 4.21 13.68
C ILE B 18 3.61 5.72 13.65
C12 SIJ C . -9.03 5.20 -2.34
N3 SIJ C . -9.09 4.98 -1.04
N4 SIJ C . -9.98 4.55 -3.04
C13 SIJ C . -10.73 3.84 -2.13
N5 SIJ C . -11.79 3.05 -2.38
C SIJ C . -12.31 2.49 -1.29
C11 SIJ C . -10.16 4.11 -0.90
C1 SIJ C . -10.85 3.40 0.15
N SIJ C . -11.91 2.58 -0.02
N1 SIJ C . -10.48 3.54 1.51
C10 SIJ C . -9.27 4.24 1.97
C9 SIJ C . -8.19 3.31 2.50
C4 SIJ C . -8.71 2.45 3.67
C3 SIJ C . -9.98 1.75 3.16
C2 SIJ C . -11.03 2.68 2.56
N2 SIJ C . -7.72 1.33 3.99
C8 SIJ C . -6.50 1.74 4.69
C7 SIJ C . -6.82 2.47 5.97
C6 SIJ C . -7.73 3.66 5.72
C5 SIJ C . -9.00 3.24 4.96
C1 GOL D . 16.81 12.87 12.22
O1 GOL D . 16.54 14.17 11.68
C2 GOL D . 17.59 12.04 11.23
O2 GOL D . 16.93 12.07 9.96
C3 GOL D . 17.77 10.59 11.65
O3 GOL D . 18.67 10.47 12.73
C1 GOL E . 5.86 -3.53 -16.22
O1 GOL E . 6.84 -3.69 -15.19
C2 GOL E . 5.63 -4.79 -17.02
O2 GOL E . 6.89 -5.41 -17.34
C3 GOL E . 4.89 -4.48 -18.29
O3 GOL E . 5.76 -4.56 -19.42
C1 GOL F . 13.42 -25.68 1.73
O1 GOL F . 12.81 -24.51 1.19
C2 GOL F . 12.58 -26.27 2.84
O2 GOL F . 12.02 -27.52 2.42
C3 GOL F . 13.35 -26.45 4.13
O3 GOL F . 12.48 -26.38 5.27
C1 GOL G . -15.16 -9.95 4.57
O1 GOL G . -15.24 -10.95 3.57
C2 GOL G . -16.43 -9.12 4.62
O2 GOL G . -17.21 -9.34 3.44
C3 GOL G . -16.05 -7.66 4.69
O3 GOL G . -16.52 -7.08 5.91
C MOH H . -25.35 6.00 -9.45
O MOH H . -25.16 7.38 -9.67
C MOH I . 7.80 22.70 9.61
O MOH I . 7.01 23.70 9.02
#